data_2HBK
#
_entry.id   2HBK
#
_cell.length_a   110.680
_cell.length_b   110.680
_cell.length_c   79.729
_cell.angle_alpha   90.00
_cell.angle_beta   90.00
_cell.angle_gamma   120.00
#
_symmetry.space_group_name_H-M   'P 31 2 1'
#
loop_
_entity.id
_entity.type
_entity.pdbx_description
1 polymer 'Exosome complex exonuclease RRP6'
2 non-polymer 'MANGANESE (II) ION'
3 water water
#
_entity_poly.entity_id   1
_entity_poly.type   'polypeptide(L)'
_entity_poly.pdbx_seq_one_letter_code
;GMVEKPQLKFKSPIDNSESHPFIPLLKEKPNALKPLSESLRLVDDDENNPSHYPHPYEYEIDHQEYSPEILQIREEIPSK
SWDDSVPIWVDTSTELESMLEDLKNTKEIAVDLEHHDYRSYYGIVCLMQISTRERDYLVDTLKLRENLHILNEVFTNPSI
VKVFHGAFMDIIWLQRDLGLYVVGLFDTYHASKAIGLPRHSLAYLLENFANFKTSKKYQLADWRIRPLSKPMTAAARADT
HFLLNIYDQLRNKLIESNKLAGVLYESRNVAKRRFEYSKYRPLTPSSEVYSPIEKESPWKILMYQYNIPPEREVLVRELY
QWRDLIARRDDESPRFVMPNQLLAALVAYTPTDVIGVVSLTNGVTEHVRQNAKLLANLIRDALRNIKNTNEEATPIPSSE
TKADGILLET
;
_entity_poly.pdbx_strand_id   A
#
# COMPACT_ATOMS: atom_id res chain seq x y z
N GLY A 1 -9.16 -20.66 9.91
CA GLY A 1 -9.93 -21.27 8.76
C GLY A 1 -9.14 -21.32 7.48
N MET A 2 -9.75 -20.90 6.37
CA MET A 2 -9.04 -20.88 5.09
C MET A 2 -9.07 -19.50 4.46
N VAL A 3 -10.14 -18.76 4.72
CA VAL A 3 -10.32 -17.42 4.19
C VAL A 3 -10.40 -17.44 2.66
N GLU A 4 -11.60 -17.26 2.15
CA GLU A 4 -11.84 -17.23 0.72
C GLU A 4 -11.25 -15.92 0.18
N LYS A 5 -10.56 -15.99 -0.96
CA LYS A 5 -9.95 -14.80 -1.56
C LYS A 5 -11.02 -13.76 -1.87
N PRO A 6 -11.00 -12.61 -1.15
CA PRO A 6 -11.96 -11.53 -1.37
C PRO A 6 -12.02 -11.00 -2.80
N GLN A 7 -10.95 -11.21 -3.55
CA GLN A 7 -10.91 -10.76 -4.93
C GLN A 7 -12.08 -11.35 -5.71
N LEU A 8 -12.33 -12.65 -5.51
CA LEU A 8 -13.40 -13.35 -6.21
C LEU A 8 -14.72 -12.60 -6.18
N LYS A 9 -14.92 -11.76 -5.17
CA LYS A 9 -16.16 -11.03 -5.05
C LYS A 9 -16.11 -9.59 -5.51
N PHE A 10 -14.97 -9.17 -6.03
CA PHE A 10 -14.84 -7.79 -6.51
C PHE A 10 -15.77 -7.59 -7.71
N LYS A 11 -16.34 -6.40 -7.82
CA LYS A 11 -17.26 -6.07 -8.91
C LYS A 11 -16.50 -6.12 -10.23
N SER A 12 -15.32 -5.52 -10.23
CA SER A 12 -14.46 -5.50 -11.41
C SER A 12 -13.34 -6.52 -11.21
N PRO A 13 -13.13 -7.41 -12.18
CA PRO A 13 -12.08 -8.44 -12.09
C PRO A 13 -10.68 -7.84 -12.08
N ILE A 14 -9.76 -8.50 -11.40
CA ILE A 14 -8.38 -8.03 -11.30
C ILE A 14 -7.61 -8.31 -12.59
N ASP A 15 -6.66 -7.45 -12.90
CA ASP A 15 -5.86 -7.59 -14.11
C ASP A 15 -4.38 -7.38 -13.84
N ASN A 16 -3.62 -8.47 -13.85
CA ASN A 16 -2.18 -8.39 -13.60
C ASN A 16 -1.38 -8.47 -14.91
N SER A 17 -2.09 -8.46 -16.04
CA SER A 17 -1.43 -8.54 -17.35
C SER A 17 -0.39 -7.44 -17.49
N GLU A 18 -0.75 -6.24 -17.07
CA GLU A 18 0.15 -5.08 -17.14
C GLU A 18 0.39 -4.74 -18.63
N SER A 19 -0.70 -4.72 -19.40
CA SER A 19 -0.61 -4.42 -20.83
C SER A 19 -0.70 -2.94 -21.17
N HIS A 20 -0.83 -2.11 -20.13
CA HIS A 20 -0.91 -0.66 -20.31
C HIS A 20 -0.53 0.03 -19.01
N PRO A 21 -0.03 1.27 -19.08
CA PRO A 21 0.34 1.97 -17.85
C PRO A 21 -0.88 2.12 -16.95
N PHE A 22 -0.67 2.20 -15.64
CA PHE A 22 -1.77 2.33 -14.69
C PHE A 22 -2.75 3.41 -15.12
N ILE A 23 -4.03 3.11 -15.03
CA ILE A 23 -5.07 4.06 -15.39
C ILE A 23 -5.84 4.45 -14.13
N PRO A 24 -5.93 5.75 -13.82
CA PRO A 24 -6.66 6.20 -12.63
C PRO A 24 -8.11 5.75 -12.64
N LEU A 25 -8.54 5.15 -11.53
CA LEU A 25 -9.90 4.64 -11.38
C LEU A 25 -10.89 5.77 -11.20
N LEU A 26 -10.38 6.99 -11.19
CA LEU A 26 -11.19 8.18 -10.99
C LEU A 26 -12.17 8.51 -12.12
N LYS A 27 -13.46 8.51 -11.81
CA LYS A 27 -14.49 8.83 -12.79
C LYS A 27 -15.00 10.25 -12.58
N GLU A 28 -15.06 10.68 -11.32
CA GLU A 28 -15.50 12.03 -10.96
C GLU A 28 -14.33 12.75 -10.31
N LYS A 29 -14.32 14.08 -10.34
CA LYS A 29 -13.22 14.80 -9.72
C LYS A 29 -13.65 16.09 -9.00
N PRO A 30 -14.21 15.96 -7.79
CA PRO A 30 -14.67 17.09 -6.99
C PRO A 30 -13.50 17.96 -6.55
N ASN A 31 -13.79 19.18 -6.10
CA ASN A 31 -12.75 20.10 -5.66
C ASN A 31 -11.75 20.31 -6.78
N ALA A 32 -12.24 20.28 -8.02
CA ALA A 32 -11.38 20.43 -9.18
C ALA A 32 -11.01 21.86 -9.53
N LEU A 33 -9.76 22.06 -9.94
CA LEU A 33 -9.28 23.37 -10.36
C LEU A 33 -9.03 23.23 -11.85
N LYS A 34 -8.55 22.06 -12.23
CA LYS A 34 -8.27 21.72 -13.62
C LYS A 34 -9.17 20.53 -13.94
N PRO A 35 -10.12 20.71 -14.87
CA PRO A 35 -11.07 19.67 -15.28
C PRO A 35 -10.46 18.28 -15.39
N LEU A 36 -11.27 17.27 -15.12
CA LEU A 36 -10.81 15.88 -15.20
C LEU A 36 -10.48 15.53 -16.64
N SER A 37 -11.01 16.34 -17.56
CA SER A 37 -10.77 16.16 -18.98
C SER A 37 -9.28 16.03 -19.24
N GLU A 38 -8.54 17.11 -19.00
CA GLU A 38 -7.10 17.15 -19.21
C GLU A 38 -6.36 16.08 -18.43
N SER A 39 -6.89 15.72 -17.26
CA SER A 39 -6.28 14.73 -16.39
C SER A 39 -6.03 13.39 -17.09
N LEU A 40 -7.10 12.77 -17.61
CA LEU A 40 -6.97 11.50 -18.30
C LEU A 40 -6.50 11.68 -19.74
N ARG A 41 -5.20 11.59 -19.97
CA ARG A 41 -4.64 11.73 -21.30
C ARG A 41 -3.45 10.79 -21.50
N LEU A 42 -2.26 11.29 -21.21
CA LEU A 42 -1.04 10.52 -21.33
C LEU A 42 0.16 11.46 -21.38
N VAL A 43 1.36 10.91 -21.27
CA VAL A 43 2.58 11.69 -21.32
C VAL A 43 3.59 10.88 -22.11
N ASP A 44 3.38 10.84 -23.42
CA ASP A 44 4.21 10.09 -24.35
C ASP A 44 5.67 9.91 -23.95
N ASP A 45 6.20 8.75 -24.31
CA ASP A 45 7.58 8.38 -24.01
C ASP A 45 8.57 9.52 -24.01
N ASP A 46 9.29 9.66 -22.90
CA ASP A 46 10.32 10.67 -22.80
C ASP A 46 11.51 9.75 -23.07
N GLU A 47 12.46 9.72 -22.15
CA GLU A 47 13.61 8.84 -22.26
C GLU A 47 13.78 8.29 -20.87
N ASN A 48 13.61 9.18 -19.88
CA ASN A 48 13.72 8.83 -18.47
C ASN A 48 12.39 8.23 -18.03
N ASN A 49 11.29 8.83 -18.49
CA ASN A 49 9.97 8.37 -18.14
C ASN A 49 9.15 7.93 -19.35
N PRO A 50 8.94 6.61 -19.50
CA PRO A 50 8.15 6.14 -20.64
C PRO A 50 6.71 6.63 -20.50
N SER A 51 5.92 6.47 -21.55
CA SER A 51 4.53 6.91 -21.54
C SER A 51 3.82 6.54 -20.24
N HIS A 52 2.87 7.38 -19.82
CA HIS A 52 2.12 7.13 -18.59
C HIS A 52 1.05 8.20 -18.35
N TYR A 53 0.15 7.91 -17.42
CA TYR A 53 -0.90 8.87 -17.06
C TYR A 53 -0.37 9.66 -15.88
N PRO A 54 -0.69 10.96 -15.80
CA PRO A 54 -0.20 11.77 -14.68
C PRO A 54 -1.15 11.71 -13.48
N HIS A 55 -0.67 12.21 -12.35
CA HIS A 55 -1.48 12.23 -11.12
C HIS A 55 -2.63 13.22 -11.34
N PRO A 56 -3.87 12.70 -11.36
CA PRO A 56 -5.13 13.42 -11.56
C PRO A 56 -5.39 14.64 -10.68
N TYR A 57 -4.67 14.75 -9.57
CA TYR A 57 -4.86 15.87 -8.65
C TYR A 57 -3.57 16.63 -8.38
N GLU A 58 -2.57 16.40 -9.23
CA GLU A 58 -1.28 17.05 -9.08
C GLU A 58 -1.43 18.58 -9.06
N TYR A 59 -2.21 19.10 -9.99
CA TYR A 59 -2.40 20.53 -10.07
C TYR A 59 -2.94 21.09 -8.76
N GLU A 60 -4.09 20.61 -8.33
CA GLU A 60 -4.68 21.10 -7.09
C GLU A 60 -3.69 21.02 -5.94
N ILE A 61 -3.01 19.89 -5.79
CA ILE A 61 -2.04 19.75 -4.70
C ILE A 61 -1.02 20.90 -4.72
N ASP A 62 -0.74 21.44 -5.89
CA ASP A 62 0.22 22.54 -6.02
C ASP A 62 -0.40 23.92 -5.86
N HIS A 63 -1.64 24.08 -6.31
CA HIS A 63 -2.31 25.37 -6.27
C HIS A 63 -3.29 25.58 -5.11
N GLN A 64 -4.06 24.55 -4.77
CA GLN A 64 -5.02 24.65 -3.67
C GLN A 64 -4.37 25.20 -2.41
N GLU A 65 -4.89 26.32 -1.90
CA GLU A 65 -4.35 26.93 -0.69
C GLU A 65 -4.75 26.13 0.54
N TYR A 66 -3.87 26.12 1.54
CA TYR A 66 -4.12 25.40 2.77
C TYR A 66 -5.13 26.14 3.65
N SER A 67 -5.72 25.43 4.60
CA SER A 67 -6.68 26.00 5.51
C SER A 67 -5.93 26.98 6.43
N PRO A 68 -6.35 28.26 6.45
CA PRO A 68 -5.71 29.30 7.28
C PRO A 68 -5.55 28.92 8.75
N GLU A 69 -6.39 28.01 9.23
CA GLU A 69 -6.32 27.57 10.62
C GLU A 69 -5.26 26.49 10.83
N ILE A 70 -4.44 26.25 9.82
CA ILE A 70 -3.38 25.25 9.92
C ILE A 70 -2.08 26.01 10.22
N LEU A 71 -2.04 27.27 9.78
CA LEU A 71 -0.89 28.14 9.99
C LEU A 71 -0.99 28.86 11.34
N GLN A 72 -2.09 28.63 12.05
CA GLN A 72 -2.30 29.27 13.34
C GLN A 72 -2.08 28.33 14.51
N ILE A 73 -1.39 28.80 15.53
CA ILE A 73 -1.20 27.99 16.72
C ILE A 73 -2.58 27.95 17.36
N ARG A 74 -3.11 26.75 17.60
CA ARG A 74 -4.42 26.60 18.20
C ARG A 74 -4.40 25.74 19.44
N GLU A 75 -5.37 25.96 20.32
CA GLU A 75 -5.47 25.17 21.53
C GLU A 75 -5.72 23.75 21.06
N GLU A 76 -4.88 22.83 21.49
CA GLU A 76 -5.00 21.43 21.12
C GLU A 76 -6.26 20.79 21.71
N ILE A 77 -6.77 19.76 21.04
CA ILE A 77 -7.95 19.05 21.52
C ILE A 77 -7.57 17.64 21.90
N PRO A 78 -7.69 17.32 23.21
CA PRO A 78 -7.31 15.97 23.65
C PRO A 78 -8.11 14.91 22.90
N SER A 79 -7.52 13.72 22.78
CA SER A 79 -8.20 12.62 22.10
C SER A 79 -9.40 12.30 22.98
N LYS A 80 -10.50 11.86 22.39
CA LYS A 80 -11.67 11.48 23.16
C LYS A 80 -11.33 10.21 23.93
N SER A 81 -12.01 10.00 25.05
CA SER A 81 -11.80 8.82 25.88
C SER A 81 -12.11 7.55 25.09
N TRP A 82 -11.16 6.63 25.04
CA TRP A 82 -11.33 5.39 24.31
C TRP A 82 -12.67 4.69 24.66
N ASP A 83 -12.96 4.61 25.95
CA ASP A 83 -14.17 3.93 26.42
C ASP A 83 -15.48 4.68 26.23
N ASP A 84 -15.42 5.98 25.95
CA ASP A 84 -16.65 6.74 25.71
C ASP A 84 -17.37 6.42 24.39
N SER A 85 -16.76 5.58 23.54
CA SER A 85 -17.37 5.20 22.26
C SER A 85 -16.81 3.92 21.66
N VAL A 86 -17.57 3.33 20.74
CA VAL A 86 -17.12 2.13 20.08
C VAL A 86 -16.71 2.58 18.69
N PRO A 87 -15.80 1.84 18.04
CA PRO A 87 -15.42 2.28 16.69
C PRO A 87 -16.62 1.96 15.81
N ILE A 88 -16.91 2.85 14.87
CA ILE A 88 -18.05 2.67 13.98
C ILE A 88 -17.69 1.82 12.75
N TRP A 89 -18.19 0.60 12.70
CA TRP A 89 -17.93 -0.29 11.57
C TRP A 89 -18.73 0.19 10.35
N VAL A 90 -18.05 0.36 9.21
CA VAL A 90 -18.71 0.83 8.00
C VAL A 90 -18.55 -0.17 6.85
N ASP A 91 -19.64 -0.83 6.46
CA ASP A 91 -19.56 -1.80 5.37
C ASP A 91 -20.77 -1.87 4.43
N THR A 92 -21.54 -0.80 4.34
CA THR A 92 -22.69 -0.71 3.43
C THR A 92 -22.69 0.71 2.87
N SER A 93 -23.11 0.86 1.62
CA SER A 93 -23.14 2.16 0.98
C SER A 93 -23.90 3.22 1.78
N THR A 94 -24.88 2.79 2.57
CA THR A 94 -25.66 3.72 3.38
C THR A 94 -24.85 4.16 4.60
N GLU A 95 -24.18 3.20 5.24
CA GLU A 95 -23.33 3.54 6.39
C GLU A 95 -22.23 4.45 5.86
N LEU A 96 -21.74 4.14 4.66
CA LEU A 96 -20.69 4.94 4.02
C LEU A 96 -21.14 6.37 3.75
N GLU A 97 -22.39 6.53 3.35
CA GLU A 97 -22.92 7.84 3.06
C GLU A 97 -23.05 8.68 4.33
N SER A 98 -23.48 8.07 5.43
CA SER A 98 -23.61 8.81 6.68
C SER A 98 -22.24 9.27 7.18
N MET A 99 -21.25 8.38 7.16
CA MET A 99 -19.92 8.75 7.60
C MET A 99 -19.48 9.93 6.76
N LEU A 100 -19.62 9.81 5.45
CA LEU A 100 -19.23 10.88 4.53
C LEU A 100 -19.83 12.21 4.91
N GLU A 101 -21.13 12.21 5.23
CA GLU A 101 -21.83 13.42 5.63
C GLU A 101 -21.18 13.99 6.89
N ASP A 102 -20.73 13.09 7.76
CA ASP A 102 -20.08 13.47 8.99
C ASP A 102 -18.69 14.05 8.77
N LEU A 103 -17.92 13.43 7.86
CA LEU A 103 -16.58 13.90 7.58
C LEU A 103 -16.60 15.28 6.95
N LYS A 104 -17.65 15.58 6.19
CA LYS A 104 -17.76 16.88 5.55
C LYS A 104 -17.89 18.02 6.57
N ASN A 105 -18.30 17.66 7.79
CA ASN A 105 -18.45 18.63 8.87
C ASN A 105 -17.23 18.69 9.80
N THR A 106 -16.03 18.48 9.26
CA THR A 106 -14.82 18.52 10.09
C THR A 106 -13.83 19.53 9.55
N LYS A 107 -12.81 19.83 10.35
CA LYS A 107 -11.76 20.75 9.95
C LYS A 107 -10.52 19.90 9.65
N GLU A 108 -10.51 18.69 10.21
CA GLU A 108 -9.41 17.75 9.99
C GLU A 108 -9.83 16.34 10.38
N ILE A 109 -9.18 15.35 9.80
CA ILE A 109 -9.45 13.94 10.12
C ILE A 109 -8.13 13.17 10.10
N ALA A 110 -8.08 12.07 10.83
CA ALA A 110 -6.89 11.22 10.84
C ALA A 110 -7.24 10.02 9.98
N VAL A 111 -6.29 9.54 9.19
CA VAL A 111 -6.55 8.40 8.31
C VAL A 111 -5.40 7.42 8.33
N ASP A 112 -5.74 6.15 8.15
CA ASP A 112 -4.75 5.09 8.03
C ASP A 112 -5.41 3.92 7.30
N LEU A 113 -4.61 2.91 6.96
CA LEU A 113 -5.11 1.75 6.24
C LEU A 113 -4.39 0.49 6.65
N GLU A 114 -5.00 -0.65 6.36
CA GLU A 114 -4.40 -1.96 6.60
C GLU A 114 -4.32 -2.60 5.20
N HIS A 115 -3.23 -3.29 4.92
CA HIS A 115 -2.99 -3.87 3.59
C HIS A 115 -2.68 -5.38 3.63
N HIS A 116 -2.92 -6.07 2.52
CA HIS A 116 -2.63 -7.51 2.42
C HIS A 116 -1.89 -7.77 1.10
N ASP A 117 -0.85 -8.59 1.14
CA ASP A 117 -0.08 -8.86 -0.07
C ASP A 117 0.38 -10.29 -0.24
N TYR A 118 -0.05 -11.18 0.67
CA TYR A 118 0.37 -12.57 0.56
C TYR A 118 -0.46 -13.33 -0.47
N ARG A 119 -1.77 -13.12 -0.45
CA ARG A 119 -2.66 -13.78 -1.38
C ARG A 119 -3.25 -12.84 -2.41
N SER A 120 -2.37 -12.07 -3.05
CA SER A 120 -2.72 -11.10 -4.07
C SER A 120 -1.42 -10.73 -4.75
N TYR A 121 -1.47 -10.47 -6.06
CA TYR A 121 -0.23 -10.14 -6.76
C TYR A 121 0.30 -8.75 -6.42
N TYR A 122 -0.50 -7.71 -6.66
CA TYR A 122 -0.05 -6.35 -6.32
C TYR A 122 -0.34 -6.04 -4.85
N GLY A 123 -1.44 -6.60 -4.34
CA GLY A 123 -1.82 -6.38 -2.95
C GLY A 123 -3.20 -5.76 -2.91
N ILE A 124 -3.86 -5.86 -1.76
CA ILE A 124 -5.19 -5.28 -1.62
C ILE A 124 -5.37 -4.54 -0.29
N VAL A 125 -6.06 -3.41 -0.34
CA VAL A 125 -6.32 -2.60 0.85
C VAL A 125 -7.48 -3.29 1.56
N CYS A 126 -7.21 -3.80 2.77
CA CYS A 126 -8.24 -4.51 3.53
C CYS A 126 -9.06 -3.69 4.51
N LEU A 127 -8.51 -2.57 4.98
CA LEU A 127 -9.22 -1.75 5.94
C LEU A 127 -8.77 -0.30 5.88
N MET A 128 -9.69 0.60 6.22
CA MET A 128 -9.39 2.02 6.27
C MET A 128 -9.88 2.58 7.59
N GLN A 129 -9.01 3.31 8.28
CA GLN A 129 -9.36 3.89 9.56
C GLN A 129 -9.44 5.40 9.46
N ILE A 130 -10.55 5.95 9.92
CA ILE A 130 -10.75 7.39 9.89
C ILE A 130 -11.24 7.91 11.23
N SER A 131 -10.58 8.93 11.75
CA SER A 131 -11.01 9.51 13.01
C SER A 131 -11.30 11.00 12.91
N THR A 132 -12.37 11.39 13.58
CA THR A 132 -12.77 12.79 13.68
C THR A 132 -12.41 13.10 15.14
N ARG A 133 -12.58 14.35 15.54
CA ARG A 133 -12.30 14.73 16.91
C ARG A 133 -13.23 13.92 17.82
N GLU A 134 -14.41 13.60 17.30
CA GLU A 134 -15.40 12.86 18.08
C GLU A 134 -15.43 11.35 18.00
N ARG A 135 -15.25 10.77 16.80
CA ARG A 135 -15.35 9.32 16.67
C ARG A 135 -14.33 8.60 15.79
N ASP A 136 -14.25 7.28 15.96
CA ASP A 136 -13.36 6.47 15.19
C ASP A 136 -14.15 5.61 14.23
N TYR A 137 -13.73 5.60 12.96
CA TYR A 137 -14.40 4.82 11.94
C TYR A 137 -13.50 3.70 11.44
N LEU A 138 -14.11 2.53 11.20
CA LEU A 138 -13.41 1.38 10.65
C LEU A 138 -14.20 1.04 9.37
N VAL A 139 -13.53 1.21 8.23
CA VAL A 139 -14.15 0.97 6.93
C VAL A 139 -13.71 -0.30 6.23
N ASP A 140 -14.68 -1.14 5.85
CA ASP A 140 -14.39 -2.38 5.15
C ASP A 140 -14.15 -2.00 3.69
N THR A 141 -12.87 -1.94 3.31
CA THR A 141 -12.49 -1.56 1.96
C THR A 141 -12.61 -2.72 0.99
N LEU A 142 -12.98 -3.89 1.50
CA LEU A 142 -13.16 -5.04 0.63
C LEU A 142 -14.58 -4.98 0.08
N LYS A 143 -15.57 -4.98 0.97
CA LYS A 143 -16.96 -4.93 0.53
C LYS A 143 -17.34 -3.60 -0.13
N LEU A 144 -16.59 -2.55 0.14
CA LEU A 144 -16.91 -1.25 -0.43
C LEU A 144 -15.86 -0.73 -1.39
N ARG A 145 -15.14 -1.65 -2.01
CA ARG A 145 -14.08 -1.31 -2.95
C ARG A 145 -14.47 -0.32 -4.06
N GLU A 146 -15.65 -0.50 -4.65
CA GLU A 146 -16.08 0.39 -5.73
C GLU A 146 -16.85 1.62 -5.28
N ASN A 147 -17.28 1.65 -4.01
CA ASN A 147 -18.04 2.80 -3.51
C ASN A 147 -17.16 3.89 -2.94
N LEU A 148 -16.08 3.50 -2.29
CA LEU A 148 -15.17 4.43 -1.62
C LEU A 148 -14.73 5.68 -2.38
N HIS A 149 -14.81 5.66 -3.69
CA HIS A 149 -14.39 6.82 -4.47
C HIS A 149 -15.08 8.12 -4.04
N ILE A 150 -16.25 8.02 -3.42
CA ILE A 150 -16.98 9.22 -3.00
C ILE A 150 -16.29 9.99 -1.89
N LEU A 151 -15.31 9.37 -1.24
CA LEU A 151 -14.60 10.05 -0.16
C LEU A 151 -13.72 11.15 -0.73
N ASN A 152 -13.50 11.13 -2.05
CA ASN A 152 -12.66 12.16 -2.67
C ASN A 152 -13.25 13.54 -2.39
N GLU A 153 -14.56 13.61 -2.19
CA GLU A 153 -15.21 14.88 -1.91
C GLU A 153 -14.57 15.52 -0.67
N VAL A 154 -14.11 14.67 0.26
CA VAL A 154 -13.48 15.13 1.48
C VAL A 154 -11.96 14.98 1.41
N PHE A 155 -11.50 13.86 0.88
CA PHE A 155 -10.06 13.62 0.77
C PHE A 155 -9.35 14.64 -0.12
N THR A 156 -10.08 15.28 -1.03
CA THR A 156 -9.46 16.28 -1.90
C THR A 156 -9.93 17.70 -1.60
N ASN A 157 -10.72 17.85 -0.54
CA ASN A 157 -11.18 19.16 -0.13
C ASN A 157 -10.02 19.79 0.67
N PRO A 158 -9.32 20.77 0.06
CA PRO A 158 -8.19 21.43 0.73
C PRO A 158 -8.55 22.11 2.04
N SER A 159 -9.85 22.28 2.29
CA SER A 159 -10.30 22.94 3.50
C SER A 159 -10.36 21.99 4.70
N ILE A 160 -10.03 20.73 4.47
CA ILE A 160 -10.03 19.75 5.54
C ILE A 160 -8.66 19.07 5.57
N VAL A 161 -7.99 19.18 6.69
CA VAL A 161 -6.69 18.55 6.81
C VAL A 161 -6.88 17.05 7.01
N LYS A 162 -6.08 16.27 6.29
CA LYS A 162 -6.08 14.81 6.42
C LYS A 162 -4.72 14.48 7.04
N VAL A 163 -4.75 13.88 8.22
CA VAL A 163 -3.53 13.53 8.93
C VAL A 163 -3.19 12.05 8.82
N PHE A 164 -1.97 11.76 8.36
CA PHE A 164 -1.46 10.39 8.23
C PHE A 164 -0.06 10.41 8.81
N HIS A 165 0.41 9.26 9.27
CA HIS A 165 1.79 9.15 9.72
C HIS A 165 2.54 8.34 8.65
N GLY A 166 3.51 8.96 7.98
CA GLY A 166 4.28 8.27 6.94
C GLY A 166 3.38 7.63 5.91
N ALA A 167 2.71 8.48 5.13
CA ALA A 167 1.76 8.02 4.14
C ALA A 167 2.35 7.71 2.76
N PHE A 168 3.68 7.64 2.64
CA PHE A 168 4.25 7.38 1.32
C PHE A 168 3.64 6.21 0.56
N MET A 169 3.44 5.08 1.23
CA MET A 169 2.83 3.94 0.54
C MET A 169 1.31 4.02 0.52
N ASP A 170 0.71 4.56 1.58
CA ASP A 170 -0.76 4.66 1.67
C ASP A 170 -1.32 5.49 0.51
N ILE A 171 -0.60 6.53 0.12
CA ILE A 171 -1.03 7.36 -1.00
C ILE A 171 -1.09 6.47 -2.24
N ILE A 172 -0.08 5.63 -2.40
CA ILE A 172 0.02 4.71 -3.52
C ILE A 172 -1.14 3.73 -3.44
N TRP A 173 -1.27 3.05 -2.30
CA TRP A 173 -2.37 2.10 -2.15
C TRP A 173 -3.74 2.74 -2.40
N LEU A 174 -3.96 3.95 -1.92
CA LEU A 174 -5.26 4.59 -2.12
C LEU A 174 -5.69 4.76 -3.59
N GLN A 175 -4.78 5.20 -4.46
CA GLN A 175 -5.16 5.37 -5.86
C GLN A 175 -5.31 4.02 -6.57
N ARG A 176 -4.32 3.16 -6.40
CA ARG A 176 -4.35 1.84 -7.02
C ARG A 176 -5.63 1.04 -6.81
N ASP A 177 -6.07 0.92 -5.56
CA ASP A 177 -7.26 0.13 -5.24
C ASP A 177 -8.59 0.84 -5.13
N LEU A 178 -8.58 2.07 -4.63
CA LEU A 178 -9.84 2.76 -4.41
C LEU A 178 -10.01 4.02 -5.22
N GLY A 179 -8.98 4.39 -5.97
CA GLY A 179 -9.08 5.59 -6.77
C GLY A 179 -9.31 6.80 -5.87
N LEU A 180 -8.65 6.82 -4.73
CA LEU A 180 -8.79 7.93 -3.80
C LEU A 180 -7.52 8.77 -3.85
N TYR A 181 -7.69 10.07 -3.72
CA TYR A 181 -6.55 10.98 -3.76
C TYR A 181 -6.61 11.92 -2.57
N VAL A 182 -5.48 12.55 -2.25
CA VAL A 182 -5.46 13.44 -1.10
C VAL A 182 -4.90 14.81 -1.39
N VAL A 183 -5.67 15.83 -1.02
CA VAL A 183 -5.27 17.22 -1.17
C VAL A 183 -5.49 17.87 0.21
N GLY A 184 -4.39 18.24 0.86
CA GLY A 184 -4.48 18.85 2.19
C GLY A 184 -3.89 17.91 3.23
N LEU A 185 -2.84 17.21 2.83
CA LEU A 185 -2.17 16.25 3.70
C LEU A 185 -1.23 16.87 4.73
N PHE A 186 -1.18 16.26 5.91
CA PHE A 186 -0.25 16.66 6.95
C PHE A 186 0.36 15.33 7.39
N ASP A 187 1.64 15.13 7.08
CA ASP A 187 2.32 13.89 7.43
C ASP A 187 3.09 14.06 8.74
N THR A 188 2.66 13.36 9.78
CA THR A 188 3.29 13.46 11.10
C THR A 188 4.68 12.87 11.16
N TYR A 189 5.01 11.99 10.21
CA TYR A 189 6.36 11.43 10.16
C TYR A 189 7.30 12.57 9.76
N HIS A 190 6.93 13.33 8.74
CA HIS A 190 7.80 14.43 8.33
C HIS A 190 7.80 15.50 9.42
N ALA A 191 6.69 15.64 10.12
CA ALA A 191 6.62 16.63 11.20
C ALA A 191 7.59 16.24 12.30
N SER A 192 7.62 14.95 12.64
CA SER A 192 8.52 14.47 13.69
C SER A 192 9.99 14.71 13.35
N LYS A 193 10.34 14.45 12.08
CA LYS A 193 11.71 14.64 11.62
C LYS A 193 12.10 16.10 11.64
N ALA A 194 11.21 16.96 11.15
CA ALA A 194 11.49 18.39 11.11
C ALA A 194 11.77 18.92 12.52
N ILE A 195 10.92 18.53 13.47
CA ILE A 195 11.09 18.98 14.86
C ILE A 195 12.35 18.35 15.45
N GLY A 196 12.72 17.18 14.96
CA GLY A 196 13.91 16.51 15.46
C GLY A 196 13.73 15.61 16.66
N LEU A 197 12.59 14.93 16.75
CA LEU A 197 12.35 14.00 17.86
C LEU A 197 13.30 12.80 17.69
N PRO A 198 13.76 12.21 18.81
CA PRO A 198 14.67 11.06 18.77
C PRO A 198 14.27 9.91 17.84
N ARG A 199 12.99 9.59 17.79
CA ARG A 199 12.47 8.52 16.93
C ARG A 199 11.32 9.09 16.12
N HIS A 200 11.00 8.51 14.97
CA HIS A 200 9.94 9.05 14.13
C HIS A 200 8.80 8.10 13.76
N SER A 201 8.69 6.98 14.47
CA SER A 201 7.64 5.99 14.19
C SER A 201 6.33 6.37 14.84
N LEU A 202 5.26 5.74 14.37
CA LEU A 202 3.93 5.97 14.93
C LEU A 202 3.93 5.47 16.39
N ALA A 203 4.48 4.28 16.60
CA ALA A 203 4.53 3.69 17.94
C ALA A 203 5.23 4.60 18.95
N TYR A 204 6.32 5.22 18.51
CA TYR A 204 7.07 6.11 19.38
C TYR A 204 6.19 7.29 19.76
N LEU A 205 5.55 7.88 18.76
CA LEU A 205 4.66 9.01 19.00
C LEU A 205 3.51 8.62 19.93
N LEU A 206 2.90 7.46 19.70
CA LEU A 206 1.78 7.02 20.54
C LEU A 206 2.19 6.80 21.99
N GLU A 207 3.36 6.22 22.18
CA GLU A 207 3.84 5.95 23.51
C GLU A 207 4.14 7.23 24.29
N ASN A 208 4.81 8.18 23.64
CA ASN A 208 5.19 9.39 24.34
C ASN A 208 4.16 10.51 24.46
N PHE A 209 3.23 10.59 23.51
CA PHE A 209 2.20 11.63 23.54
C PHE A 209 0.81 11.14 23.92
N ALA A 210 0.56 9.83 23.80
CA ALA A 210 -0.77 9.29 24.13
C ALA A 210 -0.69 8.15 25.14
N ASN A 211 0.50 7.91 25.68
CA ASN A 211 0.72 6.84 26.64
C ASN A 211 0.04 5.54 26.25
N PHE A 212 0.16 5.20 24.97
CA PHE A 212 -0.41 3.98 24.41
C PHE A 212 0.74 3.09 23.95
N LYS A 213 0.82 1.87 24.46
CA LYS A 213 1.88 0.99 24.03
C LYS A 213 1.35 0.09 22.92
N THR A 214 2.10 0.05 21.81
CA THR A 214 1.71 -0.74 20.65
C THR A 214 2.30 -2.15 20.69
N SER A 215 1.71 -3.04 19.91
CA SER A 215 2.20 -4.41 19.81
C SER A 215 2.25 -4.81 18.33
N LYS A 216 3.47 -4.85 17.77
CA LYS A 216 3.64 -5.22 16.37
C LYS A 216 3.29 -6.67 16.09
N LYS A 217 2.52 -7.28 16.98
CA LYS A 217 2.12 -8.67 16.82
C LYS A 217 0.94 -8.76 15.84
N TYR A 218 0.82 -7.77 14.98
CA TYR A 218 -0.27 -7.74 14.00
C TYR A 218 0.14 -7.22 12.62
N GLN A 219 1.40 -6.83 12.48
CA GLN A 219 1.88 -6.34 11.18
C GLN A 219 2.13 -7.53 10.28
N LEU A 220 1.84 -8.72 10.81
CA LEU A 220 2.01 -9.97 10.10
C LEU A 220 0.65 -10.69 10.09
N ALA A 221 -0.37 -9.99 10.58
CA ALA A 221 -1.72 -10.53 10.65
C ALA A 221 -2.41 -10.53 9.29
N ASP A 222 -3.57 -11.19 9.22
CA ASP A 222 -4.34 -11.28 7.99
C ASP A 222 -5.57 -10.39 8.05
N TRP A 223 -5.47 -9.19 7.49
CA TRP A 223 -6.57 -8.23 7.51
C TRP A 223 -7.75 -8.55 6.62
N ARG A 224 -7.73 -9.69 5.95
CA ARG A 224 -8.86 -10.06 5.08
C ARG A 224 -9.96 -10.70 5.89
N ILE A 225 -9.59 -11.27 7.03
CA ILE A 225 -10.53 -11.96 7.91
C ILE A 225 -11.72 -11.16 8.44
N ARG A 226 -12.92 -11.66 8.15
CA ARG A 226 -14.16 -11.05 8.62
C ARG A 226 -14.80 -12.11 9.52
N PRO A 227 -15.28 -11.71 10.71
CA PRO A 227 -15.25 -10.35 11.23
C PRO A 227 -13.87 -10.09 11.81
N LEU A 228 -13.55 -8.84 12.12
CA LEU A 228 -12.25 -8.55 12.71
C LEU A 228 -12.27 -9.05 14.14
N SER A 229 -11.14 -9.55 14.62
CA SER A 229 -11.05 -10.00 16.00
C SER A 229 -10.98 -8.75 16.88
N LYS A 230 -11.35 -8.89 18.15
CA LYS A 230 -11.32 -7.76 19.08
C LYS A 230 -9.95 -7.10 19.09
N PRO A 231 -8.89 -7.88 19.32
CA PRO A 231 -7.56 -7.27 19.36
C PRO A 231 -7.16 -6.54 18.07
N MET A 232 -7.53 -7.08 16.91
CA MET A 232 -7.17 -6.43 15.66
C MET A 232 -8.01 -5.18 15.46
N THR A 233 -9.27 -5.24 15.88
CA THR A 233 -10.17 -4.10 15.77
C THR A 233 -9.61 -2.93 16.59
N ALA A 234 -9.08 -3.25 17.78
CA ALA A 234 -8.54 -2.26 18.68
C ALA A 234 -7.23 -1.68 18.16
N ALA A 235 -6.36 -2.54 17.65
CA ALA A 235 -5.08 -2.12 17.11
C ALA A 235 -5.26 -1.20 15.91
N ALA A 236 -6.31 -1.43 15.11
CA ALA A 236 -6.58 -0.60 13.94
C ALA A 236 -7.14 0.76 14.34
N ARG A 237 -8.03 0.73 15.33
CA ARG A 237 -8.65 1.94 15.83
C ARG A 237 -7.57 2.87 16.41
N ALA A 238 -6.56 2.26 17.03
CA ALA A 238 -5.46 2.97 17.66
C ALA A 238 -4.58 3.72 16.66
N ASP A 239 -4.69 3.41 15.38
CA ASP A 239 -3.85 4.10 14.39
C ASP A 239 -4.32 5.53 14.16
N THR A 240 -5.62 5.78 14.29
CA THR A 240 -6.11 7.14 14.03
C THR A 240 -6.75 7.84 15.23
N HIS A 241 -7.09 7.07 16.27
CA HIS A 241 -7.76 7.60 17.45
C HIS A 241 -7.00 8.71 18.20
N PHE A 242 -5.67 8.60 18.26
CA PHE A 242 -4.84 9.58 18.96
C PHE A 242 -4.15 10.57 18.03
N LEU A 243 -4.23 10.33 16.74
CA LEU A 243 -3.50 11.15 15.77
C LEU A 243 -3.80 12.63 15.63
N LEU A 244 -5.06 13.05 15.75
CA LEU A 244 -5.37 14.47 15.63
C LEU A 244 -4.75 15.28 16.77
N ASN A 245 -4.67 14.70 17.97
CA ASN A 245 -4.07 15.41 19.11
C ASN A 245 -2.57 15.56 18.87
N ILE A 246 -1.95 14.50 18.34
CA ILE A 246 -0.53 14.53 18.05
C ILE A 246 -0.32 15.57 16.94
N TYR A 247 -1.28 15.65 16.03
CA TYR A 247 -1.26 16.63 14.95
C TYR A 247 -1.17 18.05 15.57
N ASP A 248 -2.04 18.32 16.54
CA ASP A 248 -2.05 19.64 17.18
C ASP A 248 -0.71 20.02 17.80
N GLN A 249 -0.12 19.09 18.55
CA GLN A 249 1.14 19.38 19.22
C GLN A 249 2.29 19.58 18.25
N LEU A 250 2.38 18.71 17.25
CA LEU A 250 3.45 18.85 16.27
C LEU A 250 3.26 20.13 15.46
N ARG A 251 2.04 20.39 15.02
CA ARG A 251 1.76 21.59 14.23
C ARG A 251 2.19 22.87 14.99
N ASN A 252 1.73 23.00 16.23
CA ASN A 252 2.05 24.19 17.03
C ASN A 252 3.56 24.33 17.19
N LYS A 253 4.24 23.21 17.39
CA LYS A 253 5.69 23.25 17.56
C LYS A 253 6.37 23.67 16.25
N LEU A 254 5.79 23.30 15.12
CA LEU A 254 6.36 23.66 13.82
C LEU A 254 6.17 25.16 13.57
N ILE A 255 5.01 25.69 13.92
CA ILE A 255 4.75 27.09 13.73
C ILE A 255 5.70 27.86 14.64
N GLU A 256 5.73 27.43 15.89
CA GLU A 256 6.57 28.03 16.92
C GLU A 256 8.06 28.07 16.56
N SER A 257 8.51 27.19 15.66
CA SER A 257 9.91 27.18 15.28
C SER A 257 10.12 27.45 13.79
N ASN A 258 9.07 27.97 13.15
CA ASN A 258 9.10 28.31 11.74
C ASN A 258 9.55 27.14 10.85
N LYS A 259 8.87 26.01 10.94
CA LYS A 259 9.22 24.84 10.12
C LYS A 259 8.01 24.22 9.48
N LEU A 260 6.83 24.82 9.68
CA LEU A 260 5.59 24.28 9.12
C LEU A 260 5.59 24.23 7.60
N ALA A 261 6.02 25.32 6.98
CA ALA A 261 6.06 25.38 5.52
C ALA A 261 6.83 24.20 4.93
N GLY A 262 7.96 23.86 5.54
CA GLY A 262 8.74 22.74 5.04
C GLY A 262 7.97 21.43 5.15
N VAL A 263 7.26 21.23 6.27
CA VAL A 263 6.52 19.99 6.45
C VAL A 263 5.36 19.91 5.47
N LEU A 264 4.71 21.04 5.21
CA LEU A 264 3.60 21.06 4.25
C LEU A 264 4.14 20.76 2.85
N TYR A 265 5.35 21.24 2.56
CA TYR A 265 5.96 20.99 1.26
C TYR A 265 6.22 19.48 1.15
N GLU A 266 6.91 18.90 2.12
CA GLU A 266 7.17 17.46 2.15
C GLU A 266 5.87 16.65 1.98
N SER A 267 4.83 17.11 2.68
CA SER A 267 3.52 16.43 2.64
C SER A 267 2.84 16.51 1.27
N ARG A 268 2.95 17.65 0.59
CA ARG A 268 2.36 17.80 -0.73
C ARG A 268 3.05 16.82 -1.67
N ASN A 269 4.35 16.62 -1.49
CA ASN A 269 5.03 15.68 -2.35
C ASN A 269 4.68 14.23 -2.02
N VAL A 270 4.36 13.94 -0.76
CA VAL A 270 3.98 12.57 -0.43
C VAL A 270 2.66 12.30 -1.15
N ALA A 271 1.77 13.28 -1.13
CA ALA A 271 0.46 13.15 -1.75
C ALA A 271 0.54 13.14 -3.26
N LYS A 272 1.59 13.73 -3.80
CA LYS A 272 1.77 13.77 -5.25
C LYS A 272 2.34 12.45 -5.80
N ARG A 273 2.86 11.61 -4.91
CA ARG A 273 3.42 10.32 -5.35
C ARG A 273 2.43 9.61 -6.26
N ARG A 274 2.94 9.06 -7.35
CA ARG A 274 2.11 8.39 -8.35
C ARG A 274 2.42 6.90 -8.45
N PHE A 275 1.37 6.10 -8.59
CA PHE A 275 1.52 4.66 -8.71
C PHE A 275 1.61 4.24 -10.18
N GLU A 276 2.58 3.39 -10.50
CA GLU A 276 2.76 2.90 -11.86
C GLU A 276 3.25 1.45 -11.85
N TYR A 277 2.91 0.70 -12.89
CA TYR A 277 3.35 -0.68 -12.99
C TYR A 277 4.86 -0.72 -13.25
N SER A 278 5.53 -1.71 -12.67
CA SER A 278 6.98 -1.84 -12.83
C SER A 278 7.42 -1.76 -14.28
N LYS A 279 6.58 -2.31 -15.17
CA LYS A 279 6.88 -2.31 -16.60
C LYS A 279 7.01 -0.90 -17.17
N TYR A 280 6.16 0.02 -16.69
CA TYR A 280 6.19 1.40 -17.15
C TYR A 280 6.77 2.34 -16.12
N ARG A 281 7.71 1.84 -15.32
CA ARG A 281 8.35 2.63 -14.29
C ARG A 281 9.44 3.50 -14.89
N PRO A 282 9.63 4.73 -14.38
CA PRO A 282 10.67 5.61 -14.92
C PRO A 282 12.06 5.00 -14.69
N LEU A 283 13.03 5.43 -15.48
CA LEU A 283 14.40 4.93 -15.38
C LEU A 283 14.96 5.14 -13.98
N THR A 284 15.42 6.36 -13.71
CA THR A 284 15.97 6.69 -12.40
C THR A 284 14.89 6.55 -11.34
N PRO A 285 15.08 5.60 -10.40
CA PRO A 285 14.11 5.36 -9.32
C PRO A 285 14.03 6.54 -8.34
N SER A 286 12.98 7.34 -8.48
CA SER A 286 12.78 8.51 -7.62
C SER A 286 11.67 8.27 -6.61
N SER A 287 11.55 9.20 -5.66
CA SER A 287 10.52 9.11 -4.63
C SER A 287 9.19 9.71 -5.12
N GLU A 288 9.21 10.20 -6.35
CA GLU A 288 8.02 10.82 -6.96
C GLU A 288 7.12 9.75 -7.60
N VAL A 289 7.70 8.61 -7.93
CA VAL A 289 6.95 7.52 -8.54
C VAL A 289 7.23 6.18 -7.87
N TYR A 290 6.19 5.37 -7.74
CA TYR A 290 6.34 4.05 -7.13
C TYR A 290 5.85 2.95 -8.06
N SER A 291 6.64 1.89 -8.16
CA SER A 291 6.32 0.73 -8.98
C SER A 291 6.72 -0.48 -8.14
N PRO A 292 5.95 -1.59 -8.24
CA PRO A 292 6.23 -2.81 -7.49
C PRO A 292 7.72 -3.13 -7.26
N ILE A 293 8.09 -3.30 -6.00
CA ILE A 293 9.46 -3.62 -5.61
C ILE A 293 9.54 -5.01 -5.02
N GLU A 294 10.11 -5.95 -5.78
CA GLU A 294 10.24 -7.34 -5.34
C GLU A 294 10.69 -7.46 -3.89
N LYS A 295 9.86 -8.13 -3.09
CA LYS A 295 10.12 -8.35 -1.67
C LYS A 295 10.93 -9.62 -1.51
N GLU A 296 11.63 -10.02 -2.57
CA GLU A 296 12.40 -11.24 -2.53
C GLU A 296 13.69 -11.23 -3.35
N SER A 297 14.49 -12.28 -3.15
CA SER A 297 15.78 -12.49 -3.83
C SER A 297 16.08 -11.61 -5.05
N PRO A 298 17.34 -11.16 -5.18
CA PRO A 298 17.78 -10.31 -6.29
C PRO A 298 17.41 -10.91 -7.65
N TRP A 299 16.71 -10.13 -8.47
CA TRP A 299 16.31 -10.55 -9.81
C TRP A 299 17.38 -11.50 -10.36
N LYS A 300 16.94 -12.70 -10.76
CA LYS A 300 17.85 -13.73 -11.28
C LYS A 300 18.76 -14.21 -10.15
N ILE A 301 19.93 -14.74 -10.50
CA ILE A 301 20.87 -15.24 -9.49
C ILE A 301 20.89 -14.31 -8.28
N LEU A 302 20.39 -14.81 -7.16
CA LEU A 302 20.30 -14.07 -5.93
C LEU A 302 21.64 -13.90 -5.22
N MET A 303 21.71 -12.90 -4.35
CA MET A 303 22.92 -12.64 -3.59
C MET A 303 22.91 -13.54 -2.36
N TYR A 304 21.74 -14.10 -2.06
CA TYR A 304 21.59 -15.01 -0.93
C TYR A 304 22.32 -16.30 -1.30
N GLN A 305 23.17 -16.18 -2.32
CA GLN A 305 23.97 -17.26 -2.86
C GLN A 305 23.97 -18.51 -1.99
N TYR A 306 22.99 -19.38 -2.22
CA TYR A 306 22.91 -20.64 -1.49
C TYR A 306 24.01 -21.49 -2.15
N ASN A 307 25.08 -20.80 -2.53
CA ASN A 307 26.24 -21.37 -3.21
C ASN A 307 25.80 -21.71 -4.63
N ILE A 308 24.98 -20.83 -5.17
CA ILE A 308 24.43 -20.95 -6.52
C ILE A 308 25.50 -21.12 -7.61
N PRO A 309 25.72 -22.37 -8.05
CA PRO A 309 26.71 -22.67 -9.10
C PRO A 309 26.66 -21.67 -10.27
N PRO A 310 27.69 -21.69 -11.13
CA PRO A 310 27.77 -20.78 -12.28
C PRO A 310 26.68 -20.99 -13.34
N GLU A 311 26.75 -22.12 -14.02
CA GLU A 311 25.82 -22.46 -15.09
C GLU A 311 24.38 -22.74 -14.70
N ARG A 312 23.93 -22.24 -13.55
CA ARG A 312 22.56 -22.48 -13.13
C ARG A 312 21.75 -21.21 -13.04
N GLU A 313 22.26 -20.12 -13.62
CA GLU A 313 21.53 -18.86 -13.56
C GLU A 313 20.39 -18.86 -14.57
N VAL A 314 20.52 -19.69 -15.60
CA VAL A 314 19.47 -19.80 -16.60
C VAL A 314 18.30 -20.45 -15.89
N LEU A 315 18.60 -21.54 -15.18
CA LEU A 315 17.57 -22.25 -14.42
C LEU A 315 16.93 -21.29 -13.44
N VAL A 316 17.77 -20.59 -12.68
CA VAL A 316 17.30 -19.62 -11.70
C VAL A 316 16.35 -18.64 -12.34
N ARG A 317 16.75 -18.05 -13.45
CA ARG A 317 15.92 -17.08 -14.14
C ARG A 317 14.59 -17.65 -14.65
N GLU A 318 14.60 -18.85 -15.20
CA GLU A 318 13.36 -19.44 -15.70
C GLU A 318 12.37 -19.64 -14.54
N LEU A 319 12.87 -20.14 -13.41
CA LEU A 319 12.05 -20.34 -12.21
C LEU A 319 11.45 -19.00 -11.78
N TYR A 320 12.26 -17.94 -11.78
CA TYR A 320 11.79 -16.60 -11.42
C TYR A 320 10.67 -16.15 -12.33
N GLN A 321 10.91 -16.22 -13.64
CA GLN A 321 9.90 -15.78 -14.60
C GLN A 321 8.66 -16.65 -14.54
N TRP A 322 8.85 -17.96 -14.39
CA TRP A 322 7.70 -18.85 -14.30
C TRP A 322 6.89 -18.47 -13.05
N ARG A 323 7.57 -18.27 -11.93
CA ARG A 323 6.89 -17.91 -10.69
C ARG A 323 6.09 -16.65 -10.85
N ASP A 324 6.72 -15.63 -11.43
CA ASP A 324 6.03 -14.36 -11.63
C ASP A 324 4.79 -14.49 -12.50
N LEU A 325 4.88 -15.26 -13.58
CA LEU A 325 3.72 -15.45 -14.46
C LEU A 325 2.59 -16.17 -13.73
N ILE A 326 2.91 -17.21 -12.97
CA ILE A 326 1.87 -17.93 -12.25
C ILE A 326 1.27 -16.99 -11.18
N ALA A 327 2.14 -16.26 -10.50
CA ALA A 327 1.70 -15.32 -9.46
C ALA A 327 0.69 -14.35 -10.09
N ARG A 328 1.06 -13.78 -11.24
CA ARG A 328 0.18 -12.86 -11.94
C ARG A 328 -1.12 -13.54 -12.37
N ARG A 329 -1.02 -14.74 -12.93
CA ARG A 329 -2.19 -15.49 -13.40
C ARG A 329 -3.19 -15.79 -12.29
N ASP A 330 -2.71 -16.35 -11.19
CA ASP A 330 -3.61 -16.70 -10.09
C ASP A 330 -3.78 -15.54 -9.09
N ASP A 331 -3.16 -14.41 -9.40
CA ASP A 331 -3.21 -13.23 -8.54
C ASP A 331 -2.82 -13.61 -7.13
N GLU A 332 -1.56 -14.01 -7.00
CA GLU A 332 -0.99 -14.42 -5.74
C GLU A 332 0.36 -13.73 -5.65
N SER A 333 0.96 -13.73 -4.47
CA SER A 333 2.28 -13.14 -4.33
C SER A 333 3.26 -14.23 -4.75
N PRO A 334 4.43 -13.83 -5.24
CA PRO A 334 5.46 -14.80 -5.64
C PRO A 334 5.82 -15.77 -4.51
N ARG A 335 5.88 -15.28 -3.27
CA ARG A 335 6.24 -16.17 -2.15
C ARG A 335 5.15 -17.22 -1.89
N PHE A 336 3.88 -16.85 -2.03
CA PHE A 336 2.84 -17.85 -1.83
C PHE A 336 3.01 -18.97 -2.90
N VAL A 337 3.31 -18.58 -4.14
CA VAL A 337 3.49 -19.56 -5.22
C VAL A 337 4.73 -20.41 -4.99
N MET A 338 5.82 -19.76 -4.58
CA MET A 338 7.08 -20.46 -4.33
C MET A 338 8.10 -19.51 -3.69
N PRO A 339 8.39 -19.71 -2.39
CA PRO A 339 9.37 -18.83 -1.72
C PRO A 339 10.80 -19.07 -2.19
N ASN A 340 11.58 -18.00 -2.23
CA ASN A 340 12.96 -18.07 -2.68
C ASN A 340 13.71 -19.26 -2.15
N GLN A 341 13.50 -19.62 -0.88
CA GLN A 341 14.21 -20.77 -0.34
C GLN A 341 13.84 -22.05 -1.08
N LEU A 342 12.58 -22.16 -1.48
CA LEU A 342 12.13 -23.35 -2.21
C LEU A 342 12.71 -23.27 -3.63
N LEU A 343 12.62 -22.09 -4.25
CA LEU A 343 13.18 -21.92 -5.59
C LEU A 343 14.66 -22.30 -5.52
N ALA A 344 15.34 -21.80 -4.50
CA ALA A 344 16.76 -22.09 -4.29
C ALA A 344 16.94 -23.59 -4.10
N ALA A 345 16.06 -24.19 -3.31
CA ALA A 345 16.12 -25.63 -3.07
C ALA A 345 16.02 -26.44 -4.37
N LEU A 346 15.15 -26.01 -5.27
CA LEU A 346 14.98 -26.72 -6.55
C LEU A 346 16.26 -26.62 -7.38
N VAL A 347 16.84 -25.42 -7.44
CA VAL A 347 18.06 -25.18 -8.20
C VAL A 347 19.23 -25.97 -7.61
N ALA A 348 19.27 -26.07 -6.28
CA ALA A 348 20.34 -26.80 -5.60
C ALA A 348 20.29 -28.31 -5.79
N TYR A 349 19.10 -28.89 -5.68
CA TYR A 349 18.97 -30.34 -5.82
C TYR A 349 18.55 -30.82 -7.21
N THR A 350 18.07 -29.89 -8.03
CA THR A 350 17.63 -30.16 -9.40
C THR A 350 16.88 -31.48 -9.62
N PRO A 351 15.75 -31.68 -8.93
CA PRO A 351 14.97 -32.91 -9.08
C PRO A 351 14.46 -32.99 -10.53
N THR A 352 14.41 -34.19 -11.09
CA THR A 352 13.97 -34.33 -12.46
C THR A 352 12.69 -35.14 -12.69
N ASP A 353 12.01 -35.50 -11.61
CA ASP A 353 10.74 -36.22 -11.72
C ASP A 353 9.80 -35.67 -10.65
N VAL A 354 8.52 -36.03 -10.73
CA VAL A 354 7.54 -35.55 -9.77
C VAL A 354 7.92 -35.93 -8.34
N ILE A 355 8.36 -37.17 -8.15
CA ILE A 355 8.75 -37.61 -6.80
C ILE A 355 9.82 -36.64 -6.24
N GLY A 356 10.86 -36.39 -7.02
CA GLY A 356 11.92 -35.49 -6.57
C GLY A 356 11.44 -34.10 -6.21
N VAL A 357 10.50 -33.57 -6.99
CA VAL A 357 9.99 -32.23 -6.74
C VAL A 357 9.16 -32.09 -5.47
N VAL A 358 8.21 -32.99 -5.28
CA VAL A 358 7.33 -32.93 -4.12
C VAL A 358 7.95 -33.43 -2.82
N SER A 359 9.00 -34.22 -2.90
CA SER A 359 9.63 -34.73 -1.68
C SER A 359 10.87 -33.95 -1.27
N LEU A 360 11.03 -32.72 -1.76
CA LEU A 360 12.19 -31.92 -1.40
C LEU A 360 12.27 -31.78 0.11
N THR A 361 13.40 -32.22 0.67
CA THR A 361 13.62 -32.18 2.12
C THR A 361 13.08 -30.92 2.78
N ASN A 362 13.09 -29.82 2.04
CA ASN A 362 12.62 -28.53 2.54
C ASN A 362 11.11 -28.48 2.72
N GLY A 363 10.39 -28.92 1.71
CA GLY A 363 8.94 -28.89 1.75
C GLY A 363 8.48 -28.35 0.42
N VAL A 364 7.17 -28.22 0.22
CA VAL A 364 6.64 -27.75 -1.04
C VAL A 364 5.30 -27.02 -0.91
N THR A 365 5.04 -26.11 -1.85
CA THR A 365 3.80 -25.36 -1.85
C THR A 365 2.75 -26.03 -2.75
N GLU A 366 1.53 -25.54 -2.68
CA GLU A 366 0.46 -26.06 -3.49
C GLU A 366 0.80 -25.85 -4.98
N HIS A 367 1.27 -24.64 -5.32
CA HIS A 367 1.62 -24.37 -6.71
C HIS A 367 2.70 -25.29 -7.25
N VAL A 368 3.73 -25.55 -6.45
CA VAL A 368 4.83 -26.41 -6.88
C VAL A 368 4.34 -27.85 -7.02
N ARG A 369 3.47 -28.25 -6.09
CA ARG A 369 2.90 -29.58 -6.08
C ARG A 369 2.02 -29.77 -7.33
N GLN A 370 1.24 -28.75 -7.67
CA GLN A 370 0.36 -28.82 -8.82
C GLN A 370 1.05 -28.70 -10.19
N ASN A 371 2.29 -28.21 -10.18
CA ASN A 371 3.05 -28.04 -11.41
C ASN A 371 4.33 -28.83 -11.32
N ALA A 372 4.34 -29.89 -10.50
CA ALA A 372 5.55 -30.67 -10.32
C ALA A 372 6.15 -31.19 -11.62
N LYS A 373 5.30 -31.67 -12.52
CA LYS A 373 5.78 -32.20 -13.80
C LYS A 373 6.39 -31.11 -14.66
N LEU A 374 5.69 -29.98 -14.78
CA LEU A 374 6.20 -28.86 -15.56
C LEU A 374 7.58 -28.45 -14.99
N LEU A 375 7.69 -28.40 -13.67
CA LEU A 375 8.94 -28.01 -13.04
C LEU A 375 10.05 -29.04 -13.22
N ALA A 376 9.68 -30.32 -13.24
CA ALA A 376 10.64 -31.38 -13.42
C ALA A 376 11.12 -31.34 -14.87
N ASN A 377 10.22 -30.98 -15.79
CA ASN A 377 10.58 -30.89 -17.19
C ASN A 377 11.50 -29.69 -17.39
N LEU A 378 11.13 -28.56 -16.81
CA LEU A 378 11.90 -27.33 -16.91
C LEU A 378 13.34 -27.53 -16.42
N ILE A 379 13.46 -28.20 -15.29
CA ILE A 379 14.75 -28.49 -14.69
C ILE A 379 15.55 -29.46 -15.54
N ARG A 380 14.88 -30.49 -16.03
CA ARG A 380 15.52 -31.49 -16.86
C ARG A 380 16.08 -30.82 -18.11
N ASP A 381 15.33 -29.86 -18.67
CA ASP A 381 15.80 -29.14 -19.85
C ASP A 381 17.08 -28.37 -19.53
N ALA A 382 17.09 -27.69 -18.38
CA ALA A 382 18.23 -26.91 -17.95
C ALA A 382 19.48 -27.76 -17.83
N LEU A 383 19.35 -28.94 -17.26
CA LEU A 383 20.49 -29.84 -17.12
C LEU A 383 20.98 -30.34 -18.46
N ARG A 384 20.05 -30.66 -19.35
CA ARG A 384 20.42 -31.18 -20.65
C ARG A 384 21.15 -30.10 -21.43
N ASN A 385 20.66 -28.86 -21.35
CA ASN A 385 21.30 -27.77 -22.07
C ASN A 385 22.71 -27.52 -21.56
N ILE A 386 22.96 -27.83 -20.29
CA ILE A 386 24.29 -27.65 -19.70
C ILE A 386 25.23 -28.72 -20.26
N LYS A 387 24.84 -29.98 -20.10
CA LYS A 387 25.65 -31.10 -20.58
C LYS A 387 26.03 -30.92 -22.05
N ASN A 388 25.20 -30.20 -22.80
CA ASN A 388 25.49 -29.95 -24.20
C ASN A 388 26.40 -28.72 -24.27
N THR A 389 25.91 -27.65 -24.88
CA THR A 389 26.66 -26.40 -25.02
C THR A 389 28.18 -26.57 -24.93
N ASN A 390 28.71 -26.55 -23.71
CA ASN A 390 30.14 -26.72 -23.47
C ASN A 390 30.40 -28.00 -22.67
#